data_4KN1
#
_entry.id   4KN1
#
_cell.length_a   97.075
_cell.length_b   97.075
_cell.length_c   98.955
_cell.angle_alpha   90.00
_cell.angle_beta   90.00
_cell.angle_gamma   120.00
#
_symmetry.space_group_name_H-M   'P 61 2 2'
#
loop_
_entity.id
_entity.type
_entity.pdbx_description
1 polymer 'Folate receptor beta'
2 branched beta-D-mannopyranose-(1-4)-2-acetamido-2-deoxy-beta-D-glucopyranose-(1-4)-2-acetamido-2-deoxy-beta-D-glucopyranose
3 non-polymer Aminopterin
4 non-polymer 'POTASSIUM ION'
5 non-polymer 'CHLORIDE ION'
6 water water
#
_entity_poly.entity_id   1
_entity_poly.type   'polypeptide(L)'
_entity_poly.pdbx_seq_one_letter_code
;GSRTDLLNVCMDAKHHKTKPGPEDKLHDQCSPWKKNACCTASTSQELHKDTSRLYNFNWDHCGKMEPACKRHFIQDTCLY
ECSPNLGPWIQQVNQSWRKERFLDVPLCKEDCQRWWEDCHTSHTCKSNWHRGWDWTSGVNKCPAGALCRTFESYFPTPAA
LCEGLWSHSYKVSNYSRGSGRCIQMWFDSAQGNPNEEVARFYAAAMH
;
_entity_poly.pdbx_strand_id   A
#
loop_
_chem_comp.id
_chem_comp.type
_chem_comp.name
_chem_comp.formula
04J non-polymer Aminopterin 'C19 H20 N8 O5'
BMA D-saccharide, beta linking beta-D-mannopyranose 'C6 H12 O6'
CL non-polymer 'CHLORIDE ION' 'Cl -1'
K non-polymer 'POTASSIUM ION' 'K 1'
NAG D-saccharide, beta linking 2-acetamido-2-deoxy-beta-D-glucopyranose 'C8 H15 N O6'
#
# COMPACT_ATOMS: atom_id res chain seq x y z
N ARG A 3 8.56 -2.16 21.77
CA ARG A 3 8.96 -0.82 21.37
C ARG A 3 10.01 -0.85 20.26
N THR A 4 11.28 -0.82 20.65
CA THR A 4 12.37 -0.76 19.69
C THR A 4 12.38 -1.96 18.74
N ASP A 5 11.88 -3.10 19.23
CA ASP A 5 11.83 -4.31 18.42
C ASP A 5 10.86 -4.20 17.23
N LEU A 6 10.06 -3.13 17.22
CA LEU A 6 9.09 -2.93 16.14
C LEU A 6 9.66 -2.03 15.05
N LEU A 7 10.85 -1.51 15.30
CA LEU A 7 11.47 -0.54 14.40
C LEU A 7 12.38 -1.22 13.39
N ASN A 8 12.37 -0.72 12.16
CA ASN A 8 13.25 -1.20 11.12
C ASN A 8 13.14 -2.70 10.89
N VAL A 9 11.91 -3.17 10.68
CA VAL A 9 11.67 -4.58 10.42
C VAL A 9 10.92 -4.79 9.10
N CYS A 10 11.02 -5.99 8.57
CA CYS A 10 10.26 -6.37 7.40
C CYS A 10 9.26 -7.43 7.82
N MET A 11 8.03 -7.33 7.36
CA MET A 11 7.04 -8.32 7.74
C MET A 11 7.22 -9.63 6.96
N ASP A 12 6.75 -10.72 7.56
CA ASP A 12 6.81 -12.02 6.94
C ASP A 12 5.69 -12.13 5.91
N ALA A 13 5.99 -11.74 4.68
CA ALA A 13 5.00 -11.81 3.61
C ALA A 13 5.63 -12.36 2.34
N LYS A 14 4.85 -12.43 1.27
CA LYS A 14 5.24 -13.15 0.07
C LYS A 14 6.62 -12.78 -0.48
N HIS A 15 6.86 -11.49 -0.67
CA HIS A 15 8.07 -11.07 -1.36
C HIS A 15 9.10 -10.39 -0.47
N HIS A 16 8.70 -9.98 0.72
CA HIS A 16 9.56 -9.20 1.58
C HIS A 16 10.92 -9.85 1.82
N LYS A 17 11.96 -9.03 1.87
CA LYS A 17 13.26 -9.52 2.32
C LYS A 17 13.15 -9.86 3.79
N THR A 18 14.17 -10.51 4.33
CA THR A 18 14.17 -10.90 5.73
C THR A 18 14.46 -9.71 6.64
N LYS A 19 15.32 -8.81 6.16
CA LYS A 19 15.71 -7.64 6.95
C LYS A 19 15.86 -6.42 6.04
N PRO A 20 15.66 -5.22 6.60
CA PRO A 20 15.80 -4.01 5.78
C PRO A 20 17.24 -3.83 5.32
N GLY A 21 17.44 -3.19 4.18
CA GLY A 21 18.78 -2.97 3.65
C GLY A 21 18.78 -2.11 2.40
N PRO A 22 19.91 -1.45 2.12
CA PRO A 22 20.01 -0.56 0.96
C PRO A 22 19.70 -1.27 -0.34
N GLU A 23 18.95 -0.61 -1.22
CA GLU A 23 18.68 -1.12 -2.56
C GLU A 23 18.82 0.02 -3.54
N ASP A 24 20.04 0.22 -4.03
CA ASP A 24 20.34 1.37 -4.85
C ASP A 24 19.63 1.37 -6.20
N LYS A 25 19.14 0.21 -6.62
CA LYS A 25 18.53 0.08 -7.95
C LYS A 25 17.01 -0.01 -7.94
N LEU A 26 16.39 0.35 -6.82
CA LEU A 26 14.93 0.41 -6.77
C LEU A 26 14.41 1.19 -7.96
N HIS A 27 13.38 0.66 -8.60
CA HIS A 27 12.85 1.21 -9.84
C HIS A 27 11.87 2.38 -9.62
N ASP A 28 12.00 3.38 -10.49
CA ASP A 28 11.02 4.47 -10.60
C ASP A 28 10.41 4.91 -9.26
N GLN A 29 9.11 4.72 -9.12
CA GLN A 29 8.38 5.25 -7.96
C GLN A 29 8.88 4.71 -6.62
N CYS A 30 9.55 3.57 -6.63
CA CYS A 30 10.06 2.99 -5.38
C CYS A 30 11.42 3.58 -4.95
N SER A 31 12.05 4.36 -5.82
CA SER A 31 13.41 4.87 -5.57
C SER A 31 13.60 5.69 -4.28
N PRO A 32 12.55 6.37 -3.78
CA PRO A 32 12.75 7.10 -2.53
C PRO A 32 13.01 6.16 -1.34
N TRP A 33 12.82 4.86 -1.55
CA TRP A 33 13.07 3.86 -0.52
C TRP A 33 14.48 3.27 -0.60
N LYS A 34 15.30 3.79 -1.50
CA LYS A 34 16.54 3.12 -1.91
C LYS A 34 17.60 3.02 -0.81
N LYS A 35 17.54 3.90 0.18
CA LYS A 35 18.52 3.88 1.26
C LYS A 35 18.24 2.77 2.28
N ASN A 36 16.97 2.42 2.44
CA ASN A 36 16.60 1.37 3.37
C ASN A 36 15.25 0.78 3.01
N ALA A 37 15.24 -0.48 2.56
CA ALA A 37 14.00 -1.05 2.02
C ALA A 37 13.83 -2.55 2.25
N CYS A 38 12.57 -2.99 2.27
CA CYS A 38 12.22 -4.39 2.45
C CYS A 38 11.97 -5.11 1.12
N CYS A 39 12.08 -4.38 0.01
CA CYS A 39 11.89 -4.95 -1.32
C CYS A 39 13.18 -5.00 -2.12
N THR A 40 13.33 -6.01 -2.97
CA THR A 40 14.48 -6.10 -3.86
C THR A 40 14.26 -5.23 -5.08
N ALA A 41 15.33 -4.97 -5.82
CA ALA A 41 15.21 -4.20 -7.06
C ALA A 41 14.24 -4.91 -8.00
N SER A 42 14.38 -6.23 -8.06
CA SER A 42 13.54 -7.07 -8.91
C SER A 42 12.07 -6.86 -8.62
N THR A 43 11.70 -6.88 -7.35
CA THR A 43 10.34 -6.60 -6.93
C THR A 43 9.86 -5.22 -7.34
N SER A 44 10.70 -4.20 -7.12
CA SER A 44 10.30 -2.83 -7.43
C SER A 44 10.04 -2.66 -8.92
N GLN A 45 10.81 -3.38 -9.72
CA GLN A 45 10.67 -3.29 -11.17
C GLN A 45 9.35 -3.92 -11.62
N GLU A 46 9.06 -5.10 -11.09
CA GLU A 46 7.88 -5.85 -11.48
C GLU A 46 6.57 -5.18 -11.06
N LEU A 47 6.56 -4.53 -9.90
CA LEU A 47 5.32 -3.98 -9.37
C LEU A 47 4.80 -2.77 -10.14
N HIS A 48 5.61 -2.26 -11.07
CA HIS A 48 5.18 -1.13 -11.88
C HIS A 48 4.37 -1.59 -13.08
N LYS A 49 4.39 -2.89 -13.33
CA LYS A 49 3.78 -3.42 -14.54
C LYS A 49 2.31 -3.72 -14.32
N ASP A 50 1.55 -3.70 -15.41
CA ASP A 50 0.14 -4.06 -15.34
C ASP A 50 0.00 -5.56 -15.18
N THR A 51 -0.85 -5.99 -14.25
CA THR A 51 -1.02 -7.40 -13.94
C THR A 51 0.36 -8.03 -13.75
N SER A 52 1.14 -7.46 -12.83
CA SER A 52 2.51 -7.89 -12.62
C SER A 52 2.55 -9.31 -12.07
N ARG A 53 3.73 -9.94 -12.16
CA ARG A 53 3.90 -11.30 -11.69
C ARG A 53 3.95 -11.37 -10.15
N LEU A 54 3.88 -10.23 -9.49
CA LEU A 54 3.84 -10.21 -8.03
C LEU A 54 2.66 -11.01 -7.47
N TYR A 55 1.45 -10.65 -7.86
CA TYR A 55 0.27 -11.34 -7.38
C TYR A 55 -0.71 -11.64 -8.52
N ASN A 56 -0.33 -11.25 -9.73
CA ASN A 56 -1.20 -11.37 -10.89
C ASN A 56 -2.42 -10.48 -10.70
N PHE A 57 -2.21 -9.34 -10.05
CA PHE A 57 -3.33 -8.46 -9.75
C PHE A 57 -3.51 -7.41 -10.84
N ASN A 58 -4.72 -7.39 -11.41
CA ASN A 58 -5.06 -6.46 -12.49
C ASN A 58 -5.80 -5.23 -12.00
N TRP A 59 -5.18 -4.07 -12.19
CA TRP A 59 -5.79 -2.80 -11.83
C TRP A 59 -6.84 -2.37 -12.86
N ASP A 60 -6.68 -2.82 -14.09
CA ASP A 60 -7.60 -2.48 -15.17
C ASP A 60 -8.73 -3.51 -15.28
N HIS A 61 -9.31 -3.89 -14.14
CA HIS A 61 -10.35 -4.93 -14.14
C HIS A 61 -11.68 -4.39 -14.65
N CYS A 62 -11.80 -3.06 -14.68
CA CYS A 62 -12.98 -2.40 -15.23
C CYS A 62 -12.55 -1.39 -16.27
N GLY A 63 -11.95 -1.87 -17.34
CA GLY A 63 -11.39 -0.98 -18.34
C GLY A 63 -10.08 -0.42 -17.84
N LYS A 64 -9.42 0.39 -18.67
CA LYS A 64 -8.13 0.95 -18.30
C LYS A 64 -8.27 1.97 -17.17
N MET A 65 -7.46 1.81 -16.13
CA MET A 65 -7.40 2.75 -15.04
C MET A 65 -6.49 3.91 -15.44
N GLU A 66 -6.94 5.13 -15.18
CA GLU A 66 -6.19 6.32 -15.59
C GLU A 66 -4.83 6.43 -14.91
N PRO A 67 -3.83 6.91 -15.64
CA PRO A 67 -2.45 7.08 -15.12
C PRO A 67 -2.44 7.87 -13.83
N ALA A 68 -3.21 8.97 -13.80
CA ALA A 68 -3.29 9.82 -12.62
C ALA A 68 -3.70 9.02 -11.40
N CYS A 69 -4.49 7.98 -11.63
CA CYS A 69 -4.97 7.12 -10.55
C CYS A 69 -4.03 5.94 -10.31
N LYS A 70 -3.56 5.34 -11.41
CA LYS A 70 -2.68 4.18 -11.32
C LYS A 70 -1.42 4.47 -10.49
N ARG A 71 -0.87 5.67 -10.64
CA ARG A 71 0.33 6.04 -9.90
C ARG A 71 0.16 5.89 -8.40
N HIS A 72 -1.05 6.09 -7.90
CA HIS A 72 -1.30 5.96 -6.47
C HIS A 72 -1.27 4.51 -6.03
N PHE A 73 -1.88 3.63 -6.83
CA PHE A 73 -1.86 2.20 -6.53
C PHE A 73 -0.45 1.65 -6.63
N ILE A 74 0.34 2.20 -7.55
CA ILE A 74 1.74 1.81 -7.68
C ILE A 74 2.51 2.30 -6.45
N GLN A 75 2.26 3.53 -6.05
CA GLN A 75 2.92 4.09 -4.88
C GLN A 75 2.57 3.28 -3.63
N ASP A 76 1.29 2.96 -3.49
CA ASP A 76 0.79 2.13 -2.41
C ASP A 76 1.46 0.74 -2.36
N THR A 77 1.72 0.17 -3.52
CA THR A 77 2.41 -1.12 -3.58
C THR A 77 3.89 -0.98 -3.17
N CYS A 78 4.51 0.13 -3.56
CA CYS A 78 5.89 0.42 -3.14
C CYS A 78 5.95 0.46 -1.61
N LEU A 79 4.99 1.11 -0.99
CA LEU A 79 4.97 1.23 0.47
C LEU A 79 4.78 -0.14 1.11
N TYR A 80 3.79 -0.87 0.62
CA TYR A 80 3.53 -2.20 1.15
C TYR A 80 4.75 -3.11 1.04
N GLU A 81 5.37 -3.12 -0.14
CA GLU A 81 6.48 -4.04 -0.39
C GLU A 81 7.83 -3.54 0.17
N CYS A 82 8.03 -2.24 0.25
CA CYS A 82 9.36 -1.71 0.53
C CYS A 82 9.56 -1.07 1.91
N SER A 83 8.48 -0.74 2.59
CA SER A 83 8.62 -0.01 3.85
C SER A 83 9.21 -0.84 4.98
N PRO A 84 10.25 -0.30 5.63
CA PRO A 84 10.82 -0.96 6.80
C PRO A 84 10.27 -0.29 8.04
N ASN A 85 9.24 0.53 7.86
CA ASN A 85 8.74 1.35 8.95
C ASN A 85 7.29 1.11 9.36
N LEU A 86 6.80 -0.10 9.15
CA LEU A 86 5.42 -0.41 9.49
C LEU A 86 5.29 -1.42 10.63
N GLY A 87 6.41 -1.74 11.28
CA GLY A 87 6.41 -2.66 12.41
C GLY A 87 5.25 -2.51 13.38
N PRO A 88 5.04 -1.29 13.90
CA PRO A 88 4.01 -1.04 14.91
C PRO A 88 2.59 -1.45 14.48
N TRP A 89 2.38 -1.72 13.20
CA TRP A 89 1.05 -2.05 12.71
C TRP A 89 0.95 -3.43 12.10
N ILE A 90 2.00 -4.23 12.28
CA ILE A 90 2.04 -5.58 11.77
C ILE A 90 1.17 -6.50 12.62
N GLN A 91 0.34 -7.30 11.96
CA GLN A 91 -0.54 -8.25 12.65
C GLN A 91 -0.32 -9.65 12.13
N GLN A 92 -0.60 -10.63 12.98
CA GLN A 92 -0.50 -12.04 12.59
C GLN A 92 -1.78 -12.48 11.91
N VAL A 93 -1.65 -12.92 10.67
CA VAL A 93 -2.78 -13.50 9.94
C VAL A 93 -2.33 -14.85 9.39
N ASN A 94 -3.27 -15.78 9.24
CA ASN A 94 -2.87 -17.07 8.70
C ASN A 94 -3.38 -17.29 7.28
N GLN A 95 -2.77 -16.57 6.35
CA GLN A 95 -3.11 -16.69 4.94
C GLN A 95 -2.07 -17.54 4.23
N SER A 96 -2.45 -18.11 3.09
CA SER A 96 -1.60 -19.03 2.36
C SER A 96 -0.38 -18.34 1.76
N TRP A 97 -0.47 -17.04 1.53
CA TRP A 97 0.60 -16.32 0.83
C TRP A 97 1.33 -15.28 1.69
N ARG A 98 0.97 -15.22 2.96
CA ARG A 98 1.66 -14.35 3.91
C ARG A 98 1.23 -14.72 5.32
N LYS A 99 2.15 -14.55 6.27
CA LYS A 99 1.87 -14.89 7.66
C LYS A 99 1.53 -13.64 8.44
N GLU A 100 1.77 -12.49 7.81
CA GLU A 100 1.55 -11.20 8.45
C GLU A 100 1.03 -10.16 7.48
N ARG A 101 0.38 -9.13 8.02
CA ARG A 101 -0.02 -7.96 7.25
CA ARG A 101 0.03 -7.95 7.24
C ARG A 101 -0.14 -6.74 8.16
N PHE A 102 -0.57 -5.62 7.61
CA PHE A 102 -0.71 -4.40 8.41
C PHE A 102 -2.15 -4.10 8.77
N LEU A 103 -2.33 -3.46 9.91
CA LEU A 103 -3.65 -3.02 10.36
C LEU A 103 -3.63 -1.61 10.91
N ASP A 104 -4.47 -0.75 10.35
CA ASP A 104 -4.67 0.60 10.89
C ASP A 104 -3.44 1.51 10.84
N VAL A 105 -2.64 1.37 9.77
CA VAL A 105 -1.55 2.30 9.56
C VAL A 105 -2.11 3.72 9.37
N PRO A 106 -1.63 4.67 10.17
CA PRO A 106 -2.15 6.05 10.16
C PRO A 106 -1.69 6.83 8.94
N LEU A 107 -2.44 6.73 7.86
CA LEU A 107 -2.12 7.40 6.61
C LEU A 107 -2.45 8.89 6.70
N CYS A 108 -1.50 9.74 6.29
CA CYS A 108 -1.73 11.18 6.27
C CYS A 108 -2.97 11.48 5.43
N LYS A 109 -3.83 12.36 5.96
CA LYS A 109 -5.13 12.60 5.32
C LYS A 109 -5.02 13.12 3.90
N GLU A 110 -3.99 13.93 3.64
CA GLU A 110 -3.81 14.50 2.29
C GLU A 110 -3.49 13.42 1.28
N ASP A 111 -2.65 12.47 1.66
CA ASP A 111 -2.31 11.35 0.77
C ASP A 111 -3.58 10.59 0.37
N CYS A 112 -4.45 10.37 1.35
CA CYS A 112 -5.71 9.70 1.10
C CYS A 112 -6.63 10.55 0.23
N GLN A 113 -6.72 11.83 0.55
CA GLN A 113 -7.56 12.75 -0.21
C GLN A 113 -7.13 12.81 -1.68
N ARG A 114 -5.83 12.94 -1.90
CA ARG A 114 -5.30 13.08 -3.25
C ARG A 114 -5.52 11.80 -4.06
N TRP A 115 -5.30 10.68 -3.40
CA TRP A 115 -5.54 9.37 -3.99
C TRP A 115 -6.99 9.23 -4.47
N TRP A 116 -7.91 9.43 -3.54
CA TRP A 116 -9.34 9.37 -3.83
C TRP A 116 -9.73 10.32 -4.98
N GLU A 117 -9.26 11.56 -4.93
CA GLU A 117 -9.60 12.54 -5.95
C GLU A 117 -9.07 12.17 -7.34
N ASP A 118 -7.84 11.64 -7.39
CA ASP A 118 -7.22 11.30 -8.67
C ASP A 118 -7.86 10.08 -9.33
N CYS A 119 -8.65 9.33 -8.59
CA CYS A 119 -9.28 8.12 -9.12
C CYS A 119 -10.75 8.26 -9.53
N HIS A 120 -11.29 9.48 -9.43
CA HIS A 120 -12.69 9.72 -9.74
C HIS A 120 -13.09 9.26 -11.15
N THR A 121 -12.19 9.45 -12.11
CA THR A 121 -12.47 9.12 -13.50
C THR A 121 -12.31 7.63 -13.78
N SER A 122 -11.87 6.88 -12.79
CA SER A 122 -11.66 5.45 -12.96
C SER A 122 -12.84 4.61 -12.46
N HIS A 123 -12.80 3.31 -12.74
CA HIS A 123 -13.89 2.40 -12.40
C HIS A 123 -13.43 1.15 -11.66
N THR A 124 -14.34 0.58 -10.88
CA THR A 124 -14.09 -0.71 -10.25
C THR A 124 -15.40 -1.44 -10.03
N CYS A 125 -15.31 -2.67 -9.52
CA CYS A 125 -16.49 -3.47 -9.29
C CYS A 125 -16.58 -3.91 -7.84
N LYS A 126 -15.67 -3.38 -7.01
CA LYS A 126 -15.56 -3.82 -5.62
C LYS A 126 -15.00 -2.74 -4.71
N SER A 127 -15.48 -2.74 -3.46
CA SER A 127 -15.04 -1.77 -2.46
C SER A 127 -13.96 -2.36 -1.57
N ASN A 128 -13.70 -3.66 -1.73
CA ASN A 128 -12.60 -4.32 -1.05
C ASN A 128 -11.81 -5.15 -2.05
N TRP A 129 -10.55 -4.83 -2.23
CA TRP A 129 -9.76 -5.50 -3.26
C TRP A 129 -8.95 -6.65 -2.69
N HIS A 130 -9.08 -6.88 -1.40
CA HIS A 130 -8.38 -7.98 -0.74
C HIS A 130 -9.13 -9.32 -0.85
N ARG A 131 -10.45 -9.30 -0.64
CA ARG A 131 -11.24 -10.52 -0.67
C ARG A 131 -12.43 -10.48 -1.63
N GLY A 132 -12.68 -11.62 -2.29
CA GLY A 132 -13.88 -11.78 -3.09
C GLY A 132 -13.74 -11.82 -4.61
N TRP A 133 -12.53 -11.67 -5.13
CA TRP A 133 -12.33 -11.71 -6.57
C TRP A 133 -12.56 -13.10 -7.14
N ASP A 134 -12.86 -13.17 -8.43
CA ASP A 134 -12.87 -14.44 -9.15
C ASP A 134 -11.46 -14.72 -9.68
N TRP A 135 -10.76 -15.65 -9.04
CA TRP A 135 -9.37 -15.97 -9.38
C TRP A 135 -9.18 -17.14 -10.31
N THR A 136 -10.29 -17.81 -10.68
CA THR A 136 -10.21 -19.05 -11.45
C THR A 136 -9.37 -18.96 -12.72
N SER A 137 -9.26 -17.77 -13.30
CA SER A 137 -8.48 -17.60 -14.53
C SER A 137 -7.01 -17.36 -14.23
N GLY A 138 -6.67 -17.15 -12.97
CA GLY A 138 -5.29 -16.89 -12.59
C GLY A 138 -5.06 -15.41 -12.36
N VAL A 139 -6.02 -14.61 -12.81
CA VAL A 139 -6.01 -13.17 -12.57
C VAL A 139 -7.36 -12.78 -11.99
N ASN A 140 -7.36 -11.84 -11.04
CA ASN A 140 -8.61 -11.38 -10.46
C ASN A 140 -9.56 -10.82 -11.53
N LYS A 141 -10.78 -11.33 -11.54
CA LYS A 141 -11.84 -10.78 -12.38
C LYS A 141 -13.04 -10.48 -11.49
N CYS A 142 -13.89 -9.57 -11.93
CA CYS A 142 -15.10 -9.22 -11.18
C CYS A 142 -15.98 -10.44 -10.97
N PRO A 143 -16.33 -10.73 -9.70
CA PRO A 143 -17.12 -11.91 -9.35
C PRO A 143 -18.61 -11.68 -9.62
N ALA A 144 -19.41 -12.72 -9.41
CA ALA A 144 -20.85 -12.62 -9.54
C ALA A 144 -21.40 -11.55 -8.58
N GLY A 145 -22.35 -10.76 -9.06
CA GLY A 145 -22.98 -9.74 -8.23
C GLY A 145 -22.26 -8.41 -8.24
N ALA A 146 -21.11 -8.35 -8.90
CA ALA A 146 -20.28 -7.14 -8.89
C ALA A 146 -20.29 -6.42 -10.23
N LEU A 147 -21.00 -5.30 -10.30
CA LEU A 147 -21.02 -4.49 -11.52
C LEU A 147 -19.88 -3.48 -11.53
N CYS A 148 -19.43 -3.11 -12.73
CA CYS A 148 -18.53 -1.98 -12.88
C CYS A 148 -19.26 -0.66 -12.61
N ARG A 149 -18.63 0.21 -11.83
CA ARG A 149 -19.19 1.50 -11.50
C ARG A 149 -18.04 2.50 -11.37
N THR A 150 -18.38 3.77 -11.25
CA THR A 150 -17.37 4.78 -11.03
C THR A 150 -16.76 4.55 -9.67
N PHE A 151 -15.50 4.95 -9.51
CA PHE A 151 -14.79 4.79 -8.26
C PHE A 151 -15.61 5.27 -7.07
N GLU A 152 -16.24 6.44 -7.22
CA GLU A 152 -17.03 7.04 -6.14
C GLU A 152 -18.22 6.20 -5.68
N SER A 153 -18.78 5.39 -6.58
CA SER A 153 -19.89 4.50 -6.20
C SER A 153 -19.44 3.51 -5.12
N TYR A 154 -18.24 2.97 -5.27
CA TYR A 154 -17.72 1.98 -4.32
C TYR A 154 -16.92 2.61 -3.20
N PHE A 155 -16.42 3.81 -3.43
CA PHE A 155 -15.67 4.56 -2.41
C PHE A 155 -16.24 5.98 -2.29
N PRO A 156 -17.32 6.14 -1.52
CA PRO A 156 -18.03 7.42 -1.46
C PRO A 156 -17.22 8.57 -0.83
N THR A 157 -16.19 8.23 -0.07
CA THR A 157 -15.32 9.22 0.56
C THR A 157 -13.90 8.67 0.57
N PRO A 158 -12.91 9.55 0.76
CA PRO A 158 -11.50 9.11 0.84
C PRO A 158 -11.30 7.96 1.84
N ALA A 159 -11.84 8.07 3.04
CA ALA A 159 -11.68 7.01 4.03
C ALA A 159 -12.21 5.66 3.56
N ALA A 160 -13.30 5.67 2.80
CA ALA A 160 -13.86 4.42 2.29
C ALA A 160 -12.86 3.73 1.38
N LEU A 161 -12.11 4.55 0.64
CA LEU A 161 -11.05 4.04 -0.21
C LEU A 161 -9.86 3.53 0.62
N CYS A 162 -9.23 4.42 1.37
CA CYS A 162 -8.00 4.06 2.10
C CYS A 162 -8.24 2.97 3.14
N GLU A 163 -9.39 3.01 3.81
CA GLU A 163 -9.68 2.04 4.87
C GLU A 163 -10.31 0.74 4.37
N GLY A 164 -11.08 0.82 3.29
CA GLY A 164 -11.78 -0.36 2.78
C GLY A 164 -10.95 -1.20 1.81
N LEU A 165 -10.01 -0.56 1.14
CA LEU A 165 -9.27 -1.18 0.04
C LEU A 165 -8.64 -2.54 0.38
N TRP A 166 -7.89 -2.59 1.46
CA TRP A 166 -7.17 -3.80 1.82
C TRP A 166 -7.54 -4.30 3.20
N SER A 167 -8.84 -4.24 3.53
CA SER A 167 -9.32 -4.73 4.82
C SER A 167 -8.70 -3.97 5.99
N HIS A 168 -8.81 -2.64 5.96
CA HIS A 168 -8.34 -1.78 7.05
C HIS A 168 -6.84 -1.80 7.31
N SER A 169 -6.05 -1.97 6.25
CA SER A 169 -4.61 -1.86 6.40
C SER A 169 -4.25 -0.42 6.78
N TYR A 170 -5.03 0.54 6.28
CA TYR A 170 -4.87 1.94 6.65
C TYR A 170 -6.02 2.42 7.53
N LYS A 171 -5.73 3.37 8.41
CA LYS A 171 -6.76 4.22 8.98
C LYS A 171 -6.38 5.63 8.55
N VAL A 172 -7.37 6.49 8.34
CA VAL A 172 -7.07 7.86 7.93
C VAL A 172 -6.72 8.68 9.16
N SER A 173 -5.51 9.22 9.16
CA SER A 173 -5.05 10.05 10.27
C SER A 173 -5.54 11.47 10.07
N ASN A 174 -5.87 12.15 11.17
CA ASN A 174 -6.27 13.55 11.07
C ASN A 174 -5.04 14.44 11.00
N TYR A 175 -3.86 13.82 11.13
CA TYR A 175 -2.61 14.57 11.00
C TYR A 175 -2.25 14.74 9.53
N SER A 176 -1.43 15.76 9.24
CA SER A 176 -1.12 16.10 7.86
C SER A 176 0.30 15.76 7.46
N ARG A 177 0.56 15.75 6.16
CA ARG A 177 1.88 15.48 5.62
C ARG A 177 2.93 16.37 6.27
N GLY A 178 4.01 15.77 6.75
CA GLY A 178 5.11 16.52 7.30
C GLY A 178 4.95 16.86 8.76
N SER A 179 3.94 16.29 9.41
CA SER A 179 3.71 16.54 10.83
C SER A 179 4.57 15.61 11.66
N GLY A 180 5.03 14.52 11.04
CA GLY A 180 5.76 13.49 11.74
C GLY A 180 4.86 12.62 12.59
N ARG A 181 3.55 12.74 12.38
CA ARG A 181 2.57 11.97 13.16
C ARG A 181 1.67 11.10 12.29
N CYS A 182 2.06 10.90 11.03
CA CYS A 182 1.34 10.01 10.15
C CYS A 182 2.25 9.48 9.06
N ILE A 183 1.96 8.27 8.59
CA ILE A 183 2.71 7.66 7.51
C ILE A 183 2.37 8.30 6.16
N GLN A 184 3.39 8.77 5.44
CA GLN A 184 3.18 9.32 4.10
C GLN A 184 3.42 8.24 3.06
N MET A 185 2.50 8.12 2.11
CA MET A 185 2.69 7.24 0.98
C MET A 185 3.70 7.87 0.03
N TRP A 186 3.54 9.17 -0.21
CA TRP A 186 4.39 9.94 -1.10
C TRP A 186 5.36 10.80 -0.31
N PHE A 187 6.64 10.64 -0.60
CA PHE A 187 7.66 11.48 0.02
C PHE A 187 8.94 11.47 -0.80
N ASP A 188 9.63 12.60 -0.86
CA ASP A 188 10.98 12.60 -1.40
C ASP A 188 11.95 12.38 -0.24
N SER A 189 13.10 11.78 -0.52
CA SER A 189 14.02 11.47 0.57
C SER A 189 15.08 12.54 0.77
N ALA A 190 14.72 13.79 0.52
CA ALA A 190 15.63 14.91 0.68
C ALA A 190 16.27 14.93 2.07
N GLN A 191 15.44 14.85 3.11
CA GLN A 191 15.92 14.84 4.48
C GLN A 191 15.79 13.43 5.08
N GLY A 192 15.89 12.42 4.22
CA GLY A 192 15.73 11.05 4.65
C GLY A 192 14.27 10.63 4.59
N ASN A 193 14.01 9.43 5.10
CA ASN A 193 12.66 8.87 5.10
C ASN A 193 11.83 9.40 6.27
N PRO A 194 10.79 10.18 5.98
CA PRO A 194 10.04 10.84 7.07
C PRO A 194 9.31 9.83 7.96
N ASN A 195 9.10 8.62 7.47
CA ASN A 195 8.29 7.65 8.21
C ASN A 195 9.04 6.86 9.28
N GLU A 196 10.36 6.99 9.35
CA GLU A 196 11.14 6.36 10.43
C GLU A 196 10.74 6.98 11.75
N GLU A 197 10.83 8.31 11.81
CA GLU A 197 10.41 9.05 12.98
C GLU A 197 8.99 8.67 13.40
N VAL A 198 8.13 8.42 12.41
CA VAL A 198 6.73 8.13 12.69
C VAL A 198 6.59 6.76 13.32
N ALA A 199 7.32 5.79 12.77
CA ALA A 199 7.31 4.44 13.30
C ALA A 199 7.82 4.48 14.73
N ARG A 200 8.88 5.26 14.95
CA ARG A 200 9.50 5.38 16.25
C ARG A 200 8.53 5.99 17.26
N PHE A 201 7.81 7.02 16.83
CA PHE A 201 6.84 7.68 17.69
C PHE A 201 5.68 6.77 18.14
N TYR A 202 5.04 6.09 17.20
CA TYR A 202 3.90 5.25 17.56
C TYR A 202 4.29 3.96 18.26
N ALA A 203 5.48 3.44 17.93
CA ALA A 203 5.99 2.26 18.61
C ALA A 203 5.93 2.50 20.12
N ALA A 204 6.26 3.71 20.52
CA ALA A 204 6.22 4.09 21.94
C ALA A 204 4.83 4.52 22.38
N ALA A 205 4.13 5.27 21.52
CA ALA A 205 2.84 5.85 21.90
C ALA A 205 1.73 4.81 22.00
N MET A 206 1.86 3.73 21.24
CA MET A 206 0.86 2.65 21.25
C MET A 206 1.17 1.63 22.33
N HIS A 207 2.31 1.77 23.01
CA HIS A 207 2.70 0.81 24.02
C HIS A 207 1.89 0.98 25.31
C1 NAG B . -8.66 17.38 12.63
C2 NAG B . -9.59 17.59 13.81
C3 NAG B . -10.31 18.93 13.68
C4 NAG B . -9.30 20.05 13.45
C5 NAG B . -8.28 19.72 12.37
C6 NAG B . -7.14 20.73 12.44
C7 NAG B . -10.66 15.75 15.01
C8 NAG B . -11.67 14.65 14.97
N2 NAG B . -10.56 16.52 13.92
O3 NAG B . -11.02 19.17 14.87
O4 NAG B . -10.00 21.23 13.08
O5 NAG B . -7.73 18.43 12.57
O6 NAG B . -6.21 20.51 11.41
O7 NAG B . -9.98 15.92 16.02
C1 NAG B . -10.34 22.22 14.04
C2 NAG B . -10.49 23.53 13.25
C3 NAG B . -11.02 24.66 14.11
C4 NAG B . -12.24 24.21 14.90
C5 NAG B . -11.96 22.92 15.65
C6 NAG B . -13.23 22.43 16.36
C7 NAG B . -9.18 24.64 11.56
C8 NAG B . -7.84 25.15 11.13
N2 NAG B . -9.21 23.93 12.69
O3 NAG B . -11.37 25.73 13.27
O4 NAG B . -12.61 25.22 15.81
O5 NAG B . -11.52 21.91 14.76
O6 NAG B . -13.05 21.12 16.84
O7 NAG B . -10.19 24.88 10.91
C1 BMA B . -13.74 26.09 15.78
C2 BMA B . -13.99 26.59 17.19
C3 BMA B . -14.38 27.99 17.20
C4 BMA B . -13.43 28.77 16.53
C5 BMA B . -13.18 28.30 15.13
C6 BMA B . -12.12 29.11 14.45
O2 BMA B . -12.79 26.35 17.90
O3 BMA B . -14.39 28.34 18.56
O4 BMA B . -13.91 30.16 16.43
O5 BMA B . -12.85 26.87 15.09
O6 BMA B . -12.08 29.08 13.05
C 04J C . -6.37 -12.71 -2.95
N 04J C . -7.55 -12.40 -2.45
O 04J C . -6.03 -14.05 -3.22
N1 04J C . -2.40 -5.27 1.31
O1 04J C . -10.88 -13.68 -2.18
C2 04J C . -1.95 -3.98 1.52
O2 04J C . -9.98 -12.50 -3.74
N3 04J C . -1.53 -3.21 0.46
C4 04J C . -1.55 -3.71 -0.83
N5 04J C . -2.03 -5.50 -2.34
C6 04J C . -2.48 -6.79 -2.55
C7 04J C . -2.90 -7.56 -1.49
N8 04J C . -2.87 -7.05 -0.20
C9 04J C . -2.52 -7.35 -3.97
CA 04J C . -8.48 -13.46 -2.13
CB 04J C . -8.57 -13.65 -0.61
CD 04J C . -6.97 -15.48 0.00
CG 04J C . -8.42 -15.12 -0.23
CT 04J C . -9.86 -13.20 -2.71
N10 04J C . -2.34 -8.78 -3.98
C11 04J C . -5.34 -11.63 -3.22
C12 04J C . -4.01 -12.00 -3.24
C13 04J C . -3.03 -11.04 -3.49
C14 04J C . -3.38 -9.71 -3.73
C15 04J C . -4.73 -9.36 -3.71
C16 04J C . -5.71 -10.31 -3.47
C4A 04J C . -2.00 -5.00 -1.05
C8A 04J C . -2.43 -5.77 0.02
NA2 04J C . -1.93 -3.48 2.75
NA4 04J C . -1.14 -2.96 -1.85
OE1 04J C . -6.35 -14.99 0.97
OE2 04J C . -6.36 -16.24 -0.78
K K D . 8.44 4.07 4.68
CL CL E . -7.66 -16.46 4.48
CL CL F . -0.22 16.33 -11.25
CL CL G . 4.15 -18.85 -6.71
#